data_5YL9
#
_entry.id   5YL9
#
_cell.length_a   46.941
_cell.length_b   46.941
_cell.length_c   402.145
_cell.angle_alpha   90.00
_cell.angle_beta   90.00
_cell.angle_gamma   120.00
#
_symmetry.space_group_name_H-M   'H 3 2'
#
loop_
_entity.id
_entity.type
_entity.pdbx_description
1 polymer 'Spike glycoprotein'
2 polymer 'Spike glycoprotein'
3 water water
#
loop_
_entity_poly.entity_id
_entity_poly.type
_entity_poly.pdbx_seq_one_letter_code
_entity_poly.pdbx_strand_id
1 'polypeptide(L)'
;SDVLQENQKILAASFNKAMTNIVDAFTGVNDAITQTSQALQTVATALNKIQDVVNQQGNSLNHLTSQLRQNFQAISSSIQ
AIYDRLDTI
;
A
2 'polypeptide(L)' SGGRGGVPDLVVEQYNQTILNLTSEISTLENKSAELNYTVQKLQTLIDNINSTLVDLKW B
#
# COMPACT_ATOMS: atom_id res chain seq x y z
N ASP A 2 -61.85 -4.79 -9.94
CA ASP A 2 -61.46 -4.03 -8.76
C ASP A 2 -60.07 -3.43 -8.96
N VAL A 3 -59.99 -2.10 -8.94
CA VAL A 3 -58.70 -1.46 -9.19
C VAL A 3 -57.80 -1.53 -7.96
N LEU A 4 -58.37 -1.61 -6.76
CA LEU A 4 -57.53 -1.69 -5.56
C LEU A 4 -56.77 -3.00 -5.52
N GLN A 5 -57.47 -4.12 -5.74
CA GLN A 5 -56.80 -5.42 -5.75
C GLN A 5 -55.77 -5.51 -6.87
N GLU A 6 -56.11 -5.03 -8.06
CA GLU A 6 -55.17 -5.09 -9.17
C GLU A 6 -53.94 -4.23 -8.90
N ASN A 7 -54.14 -3.01 -8.40
CA ASN A 7 -53.01 -2.15 -8.07
C ASN A 7 -52.15 -2.77 -6.98
N GLN A 8 -52.77 -3.42 -6.00
CA GLN A 8 -51.99 -4.09 -4.96
C GLN A 8 -51.17 -5.22 -5.55
N LYS A 9 -51.75 -5.99 -6.46
CA LYS A 9 -51.00 -7.04 -7.14
C LYS A 9 -49.79 -6.48 -7.88
N ILE A 10 -49.99 -5.39 -8.61
CA ILE A 10 -48.89 -4.76 -9.35
C ILE A 10 -47.81 -4.28 -8.37
N LEU A 11 -48.22 -3.60 -7.31
CA LEU A 11 -47.26 -3.04 -6.37
C LEU A 11 -46.48 -4.12 -5.65
N ALA A 12 -47.14 -5.24 -5.31
CA ALA A 12 -46.44 -6.34 -4.66
C ALA A 12 -45.44 -6.98 -5.60
N ALA A 13 -45.82 -7.21 -6.86
CA ALA A 13 -44.88 -7.78 -7.82
C ALA A 13 -43.67 -6.84 -8.03
N SER A 14 -43.93 -5.54 -8.14
CA SER A 14 -42.83 -4.58 -8.32
C SER A 14 -41.94 -4.54 -7.09
N PHE A 15 -42.52 -4.55 -5.90
CA PHE A 15 -41.72 -4.53 -4.67
C PHE A 15 -40.82 -5.75 -4.60
N ASN A 16 -41.36 -6.94 -4.89
CA ASN A 16 -40.56 -8.15 -4.81
C ASN A 16 -39.46 -8.18 -5.86
N LYS A 17 -39.76 -7.77 -7.09
CA LYS A 17 -38.71 -7.71 -8.11
C LYS A 17 -37.63 -6.71 -7.70
N ALA A 18 -38.05 -5.54 -7.21
CA ALA A 18 -37.10 -4.52 -6.78
C ALA A 18 -36.20 -5.05 -5.66
N MET A 19 -36.79 -5.66 -4.64
CA MET A 19 -35.99 -6.15 -3.51
C MET A 19 -35.03 -7.25 -3.94
N THR A 20 -35.47 -8.17 -4.81
CA THR A 20 -34.56 -9.20 -5.29
C THR A 20 -33.35 -8.58 -5.97
N ASN A 21 -33.59 -7.60 -6.84
CA ASN A 21 -32.47 -6.97 -7.54
C ASN A 21 -31.62 -6.11 -6.62
N ILE A 22 -32.23 -5.48 -5.61
CA ILE A 22 -31.48 -4.69 -4.63
C ILE A 22 -30.59 -5.60 -3.78
N VAL A 23 -31.11 -6.77 -3.39
CA VAL A 23 -30.29 -7.75 -2.68
C VAL A 23 -29.09 -8.15 -3.54
N ASP A 24 -29.36 -8.48 -4.81
CA ASP A 24 -28.26 -8.88 -5.70
C ASP A 24 -27.25 -7.75 -5.89
N ALA A 25 -27.74 -6.52 -6.00
CA ALA A 25 -26.84 -5.39 -6.23
C ALA A 25 -25.98 -5.11 -5.00
N PHE A 26 -26.58 -5.13 -3.80
CA PHE A 26 -25.77 -4.97 -2.60
C PHE A 26 -24.78 -6.11 -2.44
N THR A 27 -25.15 -7.32 -2.86
CA THR A 27 -24.20 -8.43 -2.79
C THR A 27 -23.01 -8.19 -3.71
N GLY A 28 -23.26 -7.68 -4.91
CA GLY A 28 -22.17 -7.35 -5.81
C GLY A 28 -21.29 -6.23 -5.27
N VAL A 29 -21.92 -5.18 -4.73
CA VAL A 29 -21.17 -4.10 -4.09
C VAL A 29 -20.32 -4.65 -2.95
N ASN A 30 -20.88 -5.56 -2.15
CA ASN A 30 -20.14 -6.13 -1.03
C ASN A 30 -18.93 -6.92 -1.53
N ASP A 31 -19.10 -7.66 -2.63
CA ASP A 31 -17.93 -8.31 -3.23
C ASP A 31 -16.87 -7.29 -3.63
N ALA A 32 -17.30 -6.19 -4.25
CA ALA A 32 -16.35 -5.14 -4.61
C ALA A 32 -15.62 -4.58 -3.39
N ILE A 33 -16.35 -4.36 -2.29
CA ILE A 33 -15.71 -3.86 -1.06
C ILE A 33 -14.68 -4.87 -0.53
N THR A 34 -15.02 -6.17 -0.59
CA THR A 34 -14.05 -7.19 -0.18
C THR A 34 -12.80 -7.15 -1.05
N GLN A 35 -12.98 -7.09 -2.37
CA GLN A 35 -11.83 -7.01 -3.27
C GLN A 35 -10.97 -5.80 -2.95
N THR A 36 -11.63 -4.64 -2.70
CA THR A 36 -10.89 -3.42 -2.37
C THR A 36 -10.12 -3.58 -1.05
N SER A 37 -10.74 -4.16 -0.03
CA SER A 37 -10.04 -4.40 1.23
C SER A 37 -8.77 -5.24 1.01
N GLN A 38 -8.88 -6.30 0.21
CA GLN A 38 -7.72 -7.13 -0.07
C GLN A 38 -6.66 -6.35 -0.82
N ALA A 39 -7.08 -5.58 -1.82
CA ALA A 39 -6.14 -4.75 -2.56
C ALA A 39 -5.41 -3.77 -1.65
N LEU A 40 -6.11 -3.16 -0.70
CA LEU A 40 -5.43 -2.21 0.17
C LEU A 40 -4.39 -2.91 1.06
N GLN A 41 -4.70 -4.11 1.54
CA GLN A 41 -3.67 -4.87 2.26
C GLN A 41 -2.48 -5.15 1.36
N THR A 42 -2.76 -5.51 0.11
CA THR A 42 -1.68 -5.80 -0.84
C THR A 42 -0.79 -4.58 -1.05
N VAL A 43 -1.41 -3.40 -1.21
CA VAL A 43 -0.61 -2.18 -1.36
C VAL A 43 0.22 -1.92 -0.10
N ALA A 44 -0.36 -2.14 1.08
CA ALA A 44 0.42 -1.93 2.31
C ALA A 44 1.65 -2.84 2.33
N THR A 45 1.47 -4.10 1.95
CA THR A 45 2.60 -5.02 1.93
C THR A 45 3.65 -4.55 0.93
N ALA A 46 3.21 -4.13 -0.27
CA ALA A 46 4.14 -3.62 -1.27
C ALA A 46 4.94 -2.42 -0.74
N LEU A 47 4.26 -1.48 -0.10
CA LEU A 47 4.95 -0.30 0.42
C LEU A 47 5.98 -0.69 1.46
N ASN A 48 5.65 -1.69 2.28
CA ASN A 48 6.62 -2.12 3.29
C ASN A 48 7.87 -2.71 2.66
N LYS A 49 7.66 -3.53 1.60
CA LYS A 49 8.80 -4.08 0.86
C LYS A 49 9.62 -2.97 0.20
N ILE A 50 8.96 -2.00 -0.39
CA ILE A 50 9.68 -0.91 -1.07
C ILE A 50 10.51 -0.14 -0.07
N GLN A 51 9.90 0.22 1.07
CA GLN A 51 10.60 0.96 2.10
C GLN A 51 11.84 0.20 2.55
N ASP A 52 11.68 -1.11 2.78
CA ASP A 52 12.81 -1.96 3.15
C ASP A 52 13.96 -1.86 2.15
N VAL A 53 13.67 -2.17 0.88
CA VAL A 53 14.76 -2.30 -0.09
C VAL A 53 15.37 -0.93 -0.40
N VAL A 54 14.55 0.11 -0.52
CA VAL A 54 15.07 1.42 -0.85
C VAL A 54 15.98 1.93 0.26
N ASN A 55 15.58 1.74 1.53
CA ASN A 55 16.48 2.21 2.59
C ASN A 55 17.71 1.33 2.71
N GLN A 56 17.63 0.03 2.38
CA GLN A 56 18.86 -0.76 2.33
C GLN A 56 19.82 -0.23 1.26
N GLN A 57 19.29 0.12 0.09
CA GLN A 57 20.16 0.68 -0.95
C GLN A 57 20.71 2.04 -0.53
N GLY A 58 19.91 2.87 0.14
CA GLY A 58 20.45 4.11 0.70
C GLY A 58 21.58 3.86 1.70
N ASN A 59 21.39 2.91 2.61
CA ASN A 59 22.45 2.51 3.54
C ASN A 59 23.70 2.08 2.77
N SER A 60 23.51 1.25 1.74
CA SER A 60 24.65 0.74 0.98
C SER A 60 25.42 1.88 0.33
N LEU A 61 24.72 2.82 -0.28
CA LEU A 61 25.40 3.99 -0.86
C LEU A 61 26.16 4.77 0.20
N ASN A 62 25.54 4.98 1.36
CA ASN A 62 26.18 5.71 2.46
C ASN A 62 27.48 5.01 2.87
N HIS A 63 27.41 3.70 3.07
CA HIS A 63 28.58 2.95 3.51
C HIS A 63 29.64 2.88 2.41
N LEU A 64 29.22 2.73 1.15
CA LEU A 64 30.18 2.73 0.06
C LEU A 64 30.93 4.05 -0.02
N THR A 65 30.22 5.16 0.15
CA THR A 65 30.90 6.46 0.14
C THR A 65 31.93 6.55 1.26
N SER A 66 31.61 6.02 2.44
CA SER A 66 32.59 6.01 3.53
C SER A 66 33.82 5.15 3.20
N GLN A 67 33.59 3.91 2.74
CA GLN A 67 34.70 3.06 2.36
C GLN A 67 35.58 3.72 1.31
N LEU A 68 34.95 4.33 0.31
CA LEU A 68 35.69 4.97 -0.76
C LEU A 68 36.53 6.12 -0.22
N ARG A 69 35.95 6.96 0.64
CA ARG A 69 36.73 8.06 1.21
C ARG A 69 37.96 7.52 1.93
N GLN A 70 37.79 6.42 2.67
CA GLN A 70 38.93 5.87 3.40
C GLN A 70 39.96 5.25 2.45
N ASN A 71 39.50 4.57 1.41
CA ASN A 71 40.43 3.97 0.45
C ASN A 71 41.23 5.03 -0.28
N PHE A 72 40.58 6.11 -0.69
CA PHE A 72 41.29 7.16 -1.41
C PHE A 72 42.22 7.92 -0.49
N GLN A 73 41.87 8.08 0.79
CA GLN A 73 42.81 8.68 1.73
C GLN A 73 44.06 7.80 1.88
N ALA A 74 43.86 6.48 1.96
CA ALA A 74 45.02 5.59 2.02
C ALA A 74 45.89 5.72 0.79
N ILE A 75 45.27 5.78 -0.40
CA ILE A 75 46.04 5.91 -1.63
C ILE A 75 46.81 7.22 -1.65
N SER A 76 46.17 8.32 -1.23
CA SER A 76 46.84 9.61 -1.18
C SER A 76 48.08 9.55 -0.29
N SER A 77 47.95 8.96 0.92
CA SER A 77 49.10 8.88 1.81
C SER A 77 50.21 8.03 1.20
N SER A 78 49.85 6.88 0.63
CA SER A 78 50.85 5.98 0.06
C SER A 78 51.61 6.67 -1.07
N ILE A 79 50.89 7.34 -1.97
CA ILE A 79 51.53 8.05 -3.08
C ILE A 79 52.36 9.23 -2.58
N GLN A 80 51.91 9.90 -1.52
CA GLN A 80 52.70 10.96 -0.92
C GLN A 80 54.06 10.44 -0.47
N ALA A 81 54.07 9.30 0.23
CA ALA A 81 55.34 8.73 0.67
C ALA A 81 56.22 8.37 -0.53
N ILE A 82 55.60 7.85 -1.59
CA ILE A 82 56.36 7.52 -2.80
C ILE A 82 57.04 8.75 -3.37
N TYR A 83 56.28 9.84 -3.52
CA TYR A 83 56.87 11.05 -4.10
C TYR A 83 57.92 11.66 -3.18
N ASP A 84 57.74 11.55 -1.86
CA ASP A 84 58.79 12.01 -0.95
C ASP A 84 60.09 11.22 -1.14
N ARG A 85 59.98 9.90 -1.28
CA ARG A 85 61.20 9.11 -1.49
C ARG A 85 61.82 9.40 -2.85
N LEU A 86 61.00 9.57 -3.88
CA LEU A 86 61.53 9.97 -5.18
C LEU A 86 62.26 11.31 -5.10
N ASP A 87 61.73 12.24 -4.30
CA ASP A 87 62.41 13.52 -4.13
C ASP A 87 63.71 13.37 -3.38
N THR A 88 63.78 12.43 -2.43
CA THR A 88 65.05 12.16 -1.75
C THR A 88 66.06 11.52 -2.71
N ILE A 89 65.60 10.63 -3.58
CA ILE A 89 66.48 9.95 -4.54
C ILE A 89 67.00 10.94 -5.58
N GLY B 5 55.16 15.25 -11.96
CA GLY B 5 54.02 14.60 -11.34
C GLY B 5 53.83 15.00 -9.89
N GLY B 6 52.74 14.50 -9.31
CA GLY B 6 52.47 14.78 -7.92
C GLY B 6 51.39 13.87 -7.37
N VAL B 7 51.11 14.06 -6.08
CA VAL B 7 50.06 13.31 -5.40
C VAL B 7 48.72 13.67 -6.01
N PRO B 8 47.86 12.68 -6.32
CA PRO B 8 46.56 13.01 -6.93
C PRO B 8 45.62 13.68 -5.95
N ASP B 9 44.77 14.55 -6.49
CA ASP B 9 43.73 15.21 -5.71
C ASP B 9 42.49 14.32 -5.74
N LEU B 10 42.22 13.63 -4.63
CA LEU B 10 41.15 12.65 -4.57
C LEU B 10 40.08 13.17 -3.63
N VAL B 11 38.86 13.29 -4.14
CA VAL B 11 37.75 13.88 -3.41
C VAL B 11 36.54 12.97 -3.58
N VAL B 12 35.92 12.59 -2.47
CA VAL B 12 34.63 11.90 -2.48
C VAL B 12 33.70 12.69 -1.57
N GLU B 13 32.64 13.24 -2.13
CA GLU B 13 31.83 14.17 -1.37
C GLU B 13 31.00 13.45 -0.32
N GLN B 14 30.64 14.19 0.73
CA GLN B 14 29.83 13.65 1.80
C GLN B 14 28.46 13.24 1.28
N TYR B 15 28.03 12.03 1.65
CA TYR B 15 26.75 11.52 1.20
C TYR B 15 25.69 11.85 2.25
N ASN B 16 24.56 12.39 1.79
CA ASN B 16 23.47 12.81 2.67
C ASN B 16 22.27 11.93 2.33
N GLN B 17 21.98 10.99 3.22
CA GLN B 17 21.01 9.95 2.92
C GLN B 17 19.60 10.42 3.29
N THR B 18 18.71 10.50 2.30
CA THR B 18 17.30 10.73 2.59
C THR B 18 16.62 9.40 2.86
N ILE B 19 15.92 9.31 4.00
CA ILE B 19 15.26 8.08 4.40
C ILE B 19 13.86 8.07 3.78
N LEU B 20 13.49 6.96 3.14
CA LEU B 20 12.11 6.78 2.70
C LEU B 20 11.26 6.34 3.89
N ASN B 21 10.31 7.16 4.32
CA ASN B 21 9.50 6.86 5.49
C ASN B 21 8.06 6.67 5.04
N LEU B 22 7.62 5.40 4.97
CA LEU B 22 6.24 5.08 4.61
C LEU B 22 5.45 4.48 5.77
N THR B 23 5.93 4.62 7.00
CA THR B 23 5.27 3.94 8.13
C THR B 23 3.85 4.42 8.33
N SER B 24 3.61 5.74 8.24
CA SER B 24 2.25 6.25 8.41
C SER B 24 1.34 5.75 7.30
N GLU B 25 1.83 5.76 6.06
CA GLU B 25 1.01 5.32 4.94
C GLU B 25 0.69 3.83 5.07
N ILE B 26 1.67 3.02 5.47
CA ILE B 26 1.41 1.60 5.63
C ILE B 26 0.35 1.36 6.69
N SER B 27 0.49 2.01 7.86
CA SER B 27 -0.51 1.86 8.91
CA SER B 27 -0.51 1.86 8.91
C SER B 27 -1.88 2.31 8.44
N THR B 28 -1.95 3.44 7.75
CA THR B 28 -3.23 3.92 7.25
C THR B 28 -3.89 2.91 6.33
N LEU B 29 -3.12 2.32 5.40
CA LEU B 29 -3.73 1.36 4.49
C LEU B 29 -4.18 0.09 5.23
N GLU B 30 -3.39 -0.36 6.21
CA GLU B 30 -3.85 -1.49 7.04
C GLU B 30 -5.16 -1.17 7.76
N ASN B 31 -5.27 0.04 8.32
CA ASN B 31 -6.50 0.42 8.99
C ASN B 31 -7.67 0.50 8.04
N LYS B 32 -7.46 1.07 6.85
CA LYS B 32 -8.56 1.16 5.89
C LYS B 32 -9.02 -0.23 5.44
N SER B 33 -8.07 -1.13 5.22
CA SER B 33 -8.43 -2.50 4.86
C SER B 33 -9.27 -3.14 5.96
N ALA B 34 -8.88 -2.92 7.23
CA ALA B 34 -9.66 -3.48 8.34
C ALA B 34 -11.06 -2.86 8.42
N GLU B 35 -11.17 -1.55 8.17
CA GLU B 35 -12.48 -0.91 8.20
C GLU B 35 -13.40 -1.50 7.13
N LEU B 36 -12.88 -1.65 5.90
CA LEU B 36 -13.70 -2.22 4.83
C LEU B 36 -14.13 -3.65 5.15
N ASN B 37 -13.24 -4.47 5.72
CA ASN B 37 -13.62 -5.83 6.08
CA ASN B 37 -13.61 -5.83 6.10
C ASN B 37 -14.75 -5.84 7.12
N TYR B 38 -14.69 -4.95 8.11
CA TYR B 38 -15.76 -4.90 9.09
C TYR B 38 -17.08 -4.50 8.45
N THR B 39 -17.02 -3.52 7.55
CA THR B 39 -18.21 -3.08 6.82
C THR B 39 -18.82 -4.22 6.02
N VAL B 40 -17.98 -5.06 5.40
CA VAL B 40 -18.48 -6.21 4.65
C VAL B 40 -19.33 -7.10 5.55
N GLN B 41 -18.82 -7.38 6.76
CA GLN B 41 -19.59 -8.17 7.71
C GLN B 41 -20.94 -7.54 8.05
N LYS B 42 -20.95 -6.22 8.31
CA LYS B 42 -22.21 -5.56 8.65
C LYS B 42 -23.19 -5.58 7.47
N LEU B 43 -22.67 -5.37 6.26
CA LEU B 43 -23.52 -5.35 5.08
C LEU B 43 -24.14 -6.70 4.79
N GLN B 44 -23.44 -7.80 5.09
CA GLN B 44 -24.07 -9.11 4.86
C GLN B 44 -25.36 -9.26 5.66
N THR B 45 -25.36 -8.82 6.91
CA THR B 45 -26.57 -8.89 7.73
C THR B 45 -27.65 -7.98 7.18
N LEU B 46 -27.26 -6.78 6.75
CA LEU B 46 -28.27 -5.88 6.18
C LEU B 46 -28.89 -6.47 4.90
N ILE B 47 -28.08 -7.12 4.08
CA ILE B 47 -28.59 -7.76 2.86
C ILE B 47 -29.59 -8.86 3.22
N ASP B 48 -29.24 -9.69 4.21
CA ASP B 48 -30.20 -10.70 4.66
C ASP B 48 -31.50 -10.07 5.15
N ASN B 49 -31.40 -8.94 5.87
CA ASN B 49 -32.61 -8.27 6.35
C ASN B 49 -33.49 -7.81 5.20
N ILE B 50 -32.89 -7.18 4.19
CA ILE B 50 -33.65 -6.77 3.01
C ILE B 50 -34.30 -7.99 2.36
N ASN B 51 -33.54 -9.08 2.23
CA ASN B 51 -34.08 -10.27 1.57
C ASN B 51 -35.26 -10.83 2.33
N SER B 52 -35.31 -10.63 3.65
CA SER B 52 -36.43 -11.15 4.43
C SER B 52 -37.74 -10.40 4.19
N THR B 53 -37.73 -9.28 3.48
CA THR B 53 -38.93 -8.45 3.36
C THR B 53 -39.82 -8.83 2.18
N LEU B 54 -39.41 -9.79 1.35
CA LEU B 54 -40.24 -10.21 0.24
C LEU B 54 -41.60 -10.69 0.74
N VAL B 55 -42.66 -10.29 0.05
CA VAL B 55 -44.02 -10.56 0.51
C VAL B 55 -44.57 -11.79 -0.22
N ASP B 56 -45.42 -12.53 0.48
CA ASP B 56 -46.10 -13.71 -0.06
C ASP B 56 -47.59 -13.48 0.15
N LEU B 57 -48.19 -12.67 -0.73
CA LEU B 57 -49.57 -12.27 -0.59
C LEU B 57 -50.48 -13.16 -1.42
N LYS B 58 -51.71 -13.32 -0.95
CA LYS B 58 -52.74 -14.06 -1.65
C LYS B 58 -53.97 -13.16 -1.80
N TRP B 59 -54.74 -13.39 -2.85
CA TRP B 59 -55.96 -12.61 -3.08
C TRP B 59 -57.15 -13.52 -3.39
#